data_8XGX
#
_entry.id   8XGX
#
_cell.length_a   87.840
_cell.length_b   87.840
_cell.length_c   140.240
_cell.angle_alpha   90.00
_cell.angle_beta   90.00
_cell.angle_gamma   90.00
#
_symmetry.space_group_name_H-M   'P 42 21 2'
#
loop_
_entity.id
_entity.type
_entity.pdbx_description
1 polymer 'Glycosyltransferase family 25 protein'
2 water water
#
_entity_poly.entity_id   1
_entity_poly.type   'polypeptide(L)'
_entity_poly.pdbx_seq_one_letter_code
;MNSTENKNFVISISTAEQRRNHIIEQFTHQNIPFEFFDAFTPSDKLTDHLQRYLPNVANAAQLTMGEKGCLMSHFMLWKK
CIDENLDYITLFEDDILLGENANKFLAEGDWLKVRFNFQEIFVLRLETFLMPVQLEKQTQIPPFQQRDIDILTSKHFGTA
GYVISQGAAKYLIALFEKLTTEEIKPIDEIMFNQQINATDYRVYQLNPAICVQELQLNQEASLLVSNLEQERKINLKYEK
RKHLEHHHHHH
;
_entity_poly.pdbx_strand_id   A,B
#
# COMPACT_ATOMS: atom_id res chain seq x y z
N GLU A 5 -28.26 -5.43 -21.21
CA GLU A 5 -28.42 -5.69 -19.74
C GLU A 5 -27.62 -4.66 -18.94
N ASN A 6 -28.14 -4.27 -17.76
CA ASN A 6 -27.65 -3.11 -16.97
C ASN A 6 -26.25 -3.40 -16.42
N LYS A 7 -25.32 -2.46 -16.64
CA LYS A 7 -23.91 -2.58 -16.22
C LYS A 7 -23.59 -1.61 -15.07
N ASN A 8 -24.27 -0.46 -14.98
CA ASN A 8 -23.97 0.59 -13.96
C ASN A 8 -24.77 0.35 -12.68
N PHE A 9 -24.08 0.14 -11.56
CA PHE A 9 -24.69 -0.04 -10.21
C PHE A 9 -24.17 1.04 -9.27
N VAL A 10 -25.09 1.67 -8.54
CA VAL A 10 -24.77 2.70 -7.49
C VAL A 10 -25.11 2.08 -6.14
N ILE A 11 -24.07 1.86 -5.34
CA ILE A 11 -24.18 1.32 -3.95
C ILE A 11 -24.76 2.46 -3.09
N SER A 12 -25.93 2.23 -2.49
CA SER A 12 -26.70 3.25 -1.74
C SER A 12 -27.50 2.56 -0.63
N ILE A 13 -27.46 3.10 0.59
CA ILE A 13 -28.33 2.64 1.72
C ILE A 13 -29.77 2.91 1.29
N SER A 14 -30.67 1.93 1.44
CA SER A 14 -32.04 1.97 0.86
C SER A 14 -32.82 3.21 1.36
N THR A 15 -32.50 3.71 2.56
CA THR A 15 -33.19 4.86 3.22
C THR A 15 -32.47 6.20 2.95
N ALA A 16 -31.39 6.23 2.17
CA ALA A 16 -30.61 7.46 1.88
C ALA A 16 -31.30 8.23 0.75
N GLU A 17 -32.46 8.82 1.07
CA GLU A 17 -33.43 9.36 0.07
C GLU A 17 -32.80 10.51 -0.72
N GLN A 18 -32.20 11.48 -0.04
CA GLN A 18 -31.60 12.70 -0.66
C GLN A 18 -30.46 12.28 -1.60
N ARG A 19 -29.60 11.37 -1.15
CA ARG A 19 -28.46 10.87 -1.97
C ARG A 19 -29.03 10.19 -3.21
N ARG A 20 -30.03 9.32 -3.04
CA ARG A 20 -30.64 8.55 -4.16
C ARG A 20 -31.21 9.54 -5.18
N ASN A 21 -31.87 10.61 -4.69
CA ASN A 21 -32.45 11.69 -5.53
C ASN A 21 -31.36 12.39 -6.35
N HIS A 22 -30.23 12.75 -5.73
CA HIS A 22 -29.10 13.45 -6.42
CA HIS A 22 -29.10 13.44 -6.41
C HIS A 22 -28.49 12.51 -7.47
N ILE A 23 -28.36 11.22 -7.16
CA ILE A 23 -27.91 10.18 -8.14
C ILE A 23 -28.90 10.12 -9.32
N ILE A 24 -30.18 9.89 -9.04
CA ILE A 24 -31.24 9.77 -10.09
C ILE A 24 -31.17 11.01 -10.98
N GLU A 25 -31.11 12.21 -10.38
CA GLU A 25 -31.11 13.50 -11.11
C GLU A 25 -29.96 13.54 -12.12
N GLN A 26 -28.75 13.19 -11.69
CA GLN A 26 -27.52 13.32 -12.53
C GLN A 26 -27.52 12.27 -13.65
N PHE A 27 -27.89 11.02 -13.32
CA PHE A 27 -27.87 9.88 -14.28
C PHE A 27 -28.96 10.10 -15.34
N THR A 28 -30.15 10.52 -14.92
CA THR A 28 -31.30 10.86 -15.81
C THR A 28 -30.90 12.01 -16.76
N HIS A 29 -30.34 13.09 -16.22
CA HIS A 29 -29.86 14.28 -16.98
C HIS A 29 -28.94 13.87 -18.14
N GLN A 30 -28.02 12.92 -17.93
CA GLN A 30 -27.02 12.49 -18.95
C GLN A 30 -27.49 11.19 -19.65
N ASN A 31 -28.74 10.75 -19.41
CA ASN A 31 -29.37 9.55 -20.03
C ASN A 31 -28.45 8.33 -19.88
N ILE A 32 -27.98 8.09 -18.66
CA ILE A 32 -27.12 6.92 -18.30
C ILE A 32 -27.99 5.95 -17.53
N PRO A 33 -28.25 4.74 -18.07
CA PRO A 33 -28.99 3.73 -17.33
C PRO A 33 -28.16 3.24 -16.13
N PHE A 34 -28.85 2.91 -15.04
CA PHE A 34 -28.24 2.38 -13.80
C PHE A 34 -29.33 1.79 -12.92
N GLU A 35 -28.92 0.98 -11.94
CA GLU A 35 -29.76 0.49 -10.82
C GLU A 35 -29.02 0.80 -9.52
N PHE A 36 -29.78 1.00 -8.44
CA PHE A 36 -29.25 1.03 -7.07
C PHE A 36 -28.95 -0.40 -6.65
N PHE A 37 -27.87 -0.59 -5.90
CA PHE A 37 -27.65 -1.78 -5.05
C PHE A 37 -27.82 -1.33 -3.59
N ASP A 38 -28.73 -1.97 -2.86
CA ASP A 38 -29.02 -1.65 -1.45
C ASP A 38 -27.78 -1.99 -0.62
N ALA A 39 -27.02 -0.98 -0.21
CA ALA A 39 -25.76 -1.13 0.56
C ALA A 39 -26.06 -1.88 1.86
N PHE A 40 -25.16 -2.80 2.26
CA PHE A 40 -25.22 -3.51 3.56
C PHE A 40 -24.96 -2.49 4.67
N THR A 41 -25.67 -2.64 5.80
CA THR A 41 -25.51 -1.86 7.05
C THR A 41 -25.42 -2.84 8.22
N PRO A 42 -25.00 -2.39 9.43
CA PRO A 42 -25.02 -3.25 10.62
C PRO A 42 -26.43 -3.85 10.76
N SER A 43 -26.54 -5.17 10.56
CA SER A 43 -27.83 -5.90 10.37
C SER A 43 -27.57 -7.42 10.39
N ASP A 44 -28.65 -8.21 10.48
CA ASP A 44 -28.59 -9.69 10.36
C ASP A 44 -28.21 -10.08 8.93
N LYS A 45 -28.69 -9.32 7.93
CA LYS A 45 -28.39 -9.53 6.48
C LYS A 45 -26.86 -9.47 6.27
N LEU A 46 -26.19 -8.46 6.84
CA LEU A 46 -24.72 -8.32 6.72
C LEU A 46 -24.04 -9.50 7.42
N THR A 47 -24.40 -9.75 8.68
CA THR A 47 -23.83 -10.82 9.55
C THR A 47 -23.88 -12.16 8.81
N ASP A 48 -25.03 -12.54 8.25
CA ASP A 48 -25.25 -13.84 7.55
C ASP A 48 -24.42 -13.90 6.26
N HIS A 49 -24.34 -12.79 5.52
CA HIS A 49 -23.58 -12.70 4.25
C HIS A 49 -22.08 -12.86 4.54
N LEU A 50 -21.56 -12.15 5.55
CA LEU A 50 -20.16 -12.29 6.03
C LEU A 50 -19.89 -13.75 6.38
N GLN A 51 -20.84 -14.40 7.06
CA GLN A 51 -20.71 -15.80 7.51
C GLN A 51 -20.72 -16.71 6.28
N ARG A 52 -21.58 -16.42 5.31
CA ARG A 52 -21.82 -17.25 4.10
C ARG A 52 -20.60 -17.21 3.16
N TYR A 53 -19.97 -16.04 2.98
CA TYR A 53 -18.93 -15.80 1.94
C TYR A 53 -17.57 -15.48 2.57
N LEU A 54 -17.53 -14.66 3.64
CA LEU A 54 -16.27 -14.09 4.19
C LEU A 54 -16.22 -14.23 5.72
N PRO A 55 -16.21 -15.46 6.27
CA PRO A 55 -16.11 -15.64 7.73
C PRO A 55 -14.76 -15.13 8.28
N ASN A 56 -13.73 -15.12 7.45
CA ASN A 56 -12.41 -14.48 7.72
C ASN A 56 -12.59 -12.99 8.02
N VAL A 57 -13.51 -12.32 7.33
CA VAL A 57 -13.81 -10.86 7.50
C VAL A 57 -14.70 -10.63 8.72
N ALA A 58 -15.63 -11.55 9.01
CA ALA A 58 -16.52 -11.48 10.19
C ALA A 58 -15.70 -11.35 11.47
N ASN A 59 -14.55 -12.04 11.55
CA ASN A 59 -13.67 -12.16 12.75
C ASN A 59 -12.64 -11.01 12.81
N ALA A 60 -12.50 -10.22 11.75
CA ALA A 60 -11.46 -9.18 11.61
C ALA A 60 -11.82 -7.95 12.43
N ALA A 61 -11.19 -7.80 13.61
CA ALA A 61 -11.38 -6.69 14.57
C ALA A 61 -11.00 -5.38 13.90
N GLN A 62 -10.00 -5.40 13.00
CA GLN A 62 -9.34 -4.18 12.44
C GLN A 62 -10.23 -3.49 11.39
N LEU A 63 -11.40 -4.05 11.06
CA LEU A 63 -12.42 -3.39 10.19
C LEU A 63 -13.61 -2.98 11.05
N THR A 64 -14.14 -1.78 10.84
CA THR A 64 -15.45 -1.34 11.42
C THR A 64 -16.55 -2.09 10.67
N MET A 65 -17.73 -2.21 11.27
CA MET A 65 -18.88 -2.91 10.65
C MET A 65 -19.30 -2.16 9.38
N GLY A 66 -19.04 -0.85 9.32
CA GLY A 66 -19.27 -0.02 8.13
C GLY A 66 -18.37 -0.42 6.98
N GLU A 67 -17.08 -0.58 7.26
CA GLU A 67 -16.05 -1.04 6.28
C GLU A 67 -16.38 -2.46 5.81
N LYS A 68 -16.87 -3.32 6.71
CA LYS A 68 -17.28 -4.71 6.40
C LYS A 68 -18.50 -4.69 5.47
N GLY A 69 -19.45 -3.79 5.74
CA GLY A 69 -20.64 -3.57 4.90
C GLY A 69 -20.26 -3.12 3.49
N CYS A 70 -19.35 -2.14 3.40
CA CYS A 70 -18.82 -1.61 2.11
C CYS A 70 -18.25 -2.77 1.30
N LEU A 71 -17.34 -3.55 1.89
CA LEU A 71 -16.70 -4.72 1.22
C LEU A 71 -17.77 -5.72 0.78
N MET A 72 -18.76 -6.02 1.63
CA MET A 72 -19.82 -7.01 1.28
C MET A 72 -20.62 -6.49 0.08
N SER A 73 -20.96 -5.20 0.04
CA SER A 73 -21.73 -4.57 -1.07
C SER A 73 -20.97 -4.76 -2.39
N HIS A 74 -19.68 -4.42 -2.42
CA HIS A 74 -18.83 -4.58 -3.63
C HIS A 74 -18.76 -6.08 -4.01
N PHE A 75 -18.55 -6.95 -3.02
CA PHE A 75 -18.41 -8.42 -3.18
C PHE A 75 -19.65 -8.95 -3.90
N MET A 76 -20.84 -8.64 -3.37
CA MET A 76 -22.12 -9.15 -3.93
C MET A 76 -22.27 -8.64 -5.36
N LEU A 77 -21.76 -7.46 -5.68
CA LEU A 77 -21.82 -6.93 -7.07
C LEU A 77 -20.80 -7.65 -7.97
N TRP A 78 -19.65 -8.08 -7.45
CA TRP A 78 -18.72 -8.96 -8.20
C TRP A 78 -19.39 -10.32 -8.48
N LYS A 79 -20.12 -10.84 -7.49
CA LYS A 79 -20.90 -12.09 -7.63
C LYS A 79 -21.92 -11.91 -8.76
N LYS A 80 -22.74 -10.85 -8.70
CA LYS A 80 -23.77 -10.54 -9.72
C LYS A 80 -23.14 -10.60 -11.12
N CYS A 81 -21.96 -10.00 -11.28
CA CYS A 81 -21.22 -9.96 -12.56
C CYS A 81 -20.96 -11.38 -13.06
N ILE A 82 -20.50 -12.27 -12.19
CA ILE A 82 -20.20 -13.70 -12.52
C ILE A 82 -21.53 -14.41 -12.84
N ASP A 83 -22.53 -14.27 -11.97
CA ASP A 83 -23.82 -15.00 -12.05
C ASP A 83 -24.53 -14.68 -13.36
N GLU A 84 -24.53 -13.40 -13.77
CA GLU A 84 -25.19 -12.90 -15.02
C GLU A 84 -24.22 -13.02 -16.19
N ASN A 85 -23.00 -13.53 -15.95
CA ASN A 85 -21.92 -13.65 -16.97
C ASN A 85 -21.81 -12.35 -17.78
N LEU A 86 -21.82 -11.20 -17.11
CA LEU A 86 -21.53 -9.88 -17.75
C LEU A 86 -20.04 -9.83 -18.12
N ASP A 87 -19.70 -9.13 -19.19
CA ASP A 87 -18.29 -8.90 -19.60
C ASP A 87 -17.58 -8.05 -18.54
N TYR A 88 -18.29 -7.06 -18.01
CA TYR A 88 -17.80 -6.11 -16.97
C TYR A 88 -19.02 -5.61 -16.18
N ILE A 89 -18.75 -4.94 -15.08
CA ILE A 89 -19.78 -4.25 -14.27
C ILE A 89 -19.12 -2.97 -13.75
N THR A 90 -19.89 -1.88 -13.61
CA THR A 90 -19.39 -0.55 -13.24
C THR A 90 -20.06 -0.14 -11.92
N LEU A 91 -19.26 0.18 -10.92
CA LEU A 91 -19.72 0.34 -9.52
C LEU A 91 -19.44 1.75 -9.05
N PHE A 92 -20.45 2.39 -8.46
CA PHE A 92 -20.36 3.74 -7.85
C PHE A 92 -20.88 3.68 -6.41
N GLU A 93 -20.41 4.60 -5.58
CA GLU A 93 -21.02 4.94 -4.28
C GLU A 93 -21.91 6.17 -4.52
N ASP A 94 -22.90 6.40 -3.65
CA ASP A 94 -24.02 7.34 -3.91
C ASP A 94 -23.64 8.78 -3.52
N ASP A 95 -22.34 9.05 -3.26
CA ASP A 95 -21.84 10.41 -2.95
C ASP A 95 -21.01 10.94 -4.14
N ILE A 96 -21.20 10.38 -5.34
CA ILE A 96 -20.38 10.79 -6.53
C ILE A 96 -21.05 11.96 -7.27
N LEU A 97 -20.21 12.82 -7.82
CA LEU A 97 -20.59 13.88 -8.76
CA LEU A 97 -20.59 13.90 -8.77
C LEU A 97 -20.01 13.54 -10.14
N LEU A 98 -20.89 13.36 -11.13
CA LEU A 98 -20.55 13.09 -12.55
C LEU A 98 -20.03 14.37 -13.21
N GLY A 99 -18.94 14.26 -13.97
CA GLY A 99 -18.46 15.33 -14.87
C GLY A 99 -19.33 15.42 -16.12
N GLU A 100 -19.25 16.57 -16.82
CA GLU A 100 -19.78 16.74 -18.19
C GLU A 100 -19.19 15.62 -19.05
N ASN A 101 -20.01 14.97 -19.86
CA ASN A 101 -19.58 13.94 -20.86
C ASN A 101 -19.32 12.59 -20.18
N ALA A 102 -19.75 12.36 -18.93
CA ALA A 102 -19.67 11.03 -18.28
C ALA A 102 -20.47 10.01 -19.11
N ASN A 103 -21.54 10.45 -19.76
CA ASN A 103 -22.44 9.58 -20.56
C ASN A 103 -21.69 8.98 -21.75
N LYS A 104 -20.66 9.65 -22.25
CA LYS A 104 -19.77 9.15 -23.34
C LYS A 104 -19.01 7.90 -22.88
N PHE A 105 -18.78 7.79 -21.57
CA PHE A 105 -18.10 6.64 -20.93
C PHE A 105 -19.10 5.64 -20.35
N LEU A 106 -20.25 6.10 -19.88
CA LEU A 106 -21.12 5.31 -18.96
C LEU A 106 -22.39 4.81 -19.63
N ALA A 107 -22.81 5.40 -20.76
CA ALA A 107 -24.04 4.99 -21.49
C ALA A 107 -23.76 3.72 -22.28
N GLU A 108 -22.62 3.66 -22.97
CA GLU A 108 -22.25 2.61 -23.96
C GLU A 108 -20.94 1.95 -23.51
N GLY A 109 -20.77 0.66 -23.84
CA GLY A 109 -19.59 -0.16 -23.49
C GLY A 109 -18.66 -0.40 -24.67
N ASP A 110 -18.95 0.16 -25.85
CA ASP A 110 -18.19 -0.12 -27.10
C ASP A 110 -16.73 0.28 -26.91
N TRP A 111 -16.46 1.44 -26.29
CA TRP A 111 -15.08 1.94 -26.05
C TRP A 111 -14.30 0.96 -25.17
N LEU A 112 -14.99 0.23 -24.29
CA LEU A 112 -14.40 -0.85 -23.46
C LEU A 112 -14.18 -2.10 -24.32
N LYS A 113 -15.17 -2.49 -25.12
CA LYS A 113 -15.15 -3.73 -25.95
C LYS A 113 -13.99 -3.67 -26.95
N VAL A 114 -13.60 -2.49 -27.43
CA VAL A 114 -12.54 -2.37 -28.47
C VAL A 114 -11.16 -2.21 -27.83
N ARG A 115 -11.06 -2.15 -26.50
CA ARG A 115 -9.78 -1.91 -25.79
C ARG A 115 -9.38 -3.11 -24.91
N PHE A 116 -10.34 -3.88 -24.41
CA PHE A 116 -10.11 -4.82 -23.29
C PHE A 116 -10.56 -6.22 -23.65
N ASN A 117 -9.82 -7.21 -23.18
CA ASN A 117 -10.25 -8.62 -23.08
C ASN A 117 -10.85 -8.81 -21.70
N PHE A 118 -12.15 -9.10 -21.61
CA PHE A 118 -12.91 -9.07 -20.35
C PHE A 118 -12.59 -10.31 -19.49
N GLN A 119 -11.92 -11.32 -20.06
CA GLN A 119 -11.44 -12.52 -19.32
C GLN A 119 -10.12 -12.18 -18.62
N GLU A 120 -9.39 -11.16 -19.08
CA GLU A 120 -8.19 -10.65 -18.37
C GLU A 120 -8.66 -9.95 -17.10
N ILE A 121 -7.73 -9.67 -16.20
CA ILE A 121 -7.98 -9.22 -14.81
C ILE A 121 -7.59 -7.75 -14.75
N PHE A 122 -8.57 -6.85 -14.86
CA PHE A 122 -8.33 -5.39 -14.78
C PHE A 122 -9.50 -4.69 -14.06
N VAL A 123 -9.14 -3.60 -13.38
CA VAL A 123 -10.05 -2.55 -12.85
C VAL A 123 -9.68 -1.26 -13.57
N LEU A 124 -10.67 -0.52 -14.06
CA LEU A 124 -10.48 0.84 -14.60
C LEU A 124 -11.14 1.83 -13.65
N ARG A 125 -10.33 2.62 -12.94
CA ARG A 125 -10.81 3.71 -12.05
C ARG A 125 -11.41 4.83 -12.90
N LEU A 126 -12.65 5.20 -12.62
CA LEU A 126 -13.38 6.34 -13.26
C LEU A 126 -13.38 7.56 -12.33
N GLU A 127 -13.27 7.29 -11.02
CA GLU A 127 -13.14 8.27 -9.93
C GLU A 127 -11.73 8.87 -10.01
N THR A 128 -11.58 10.13 -9.60
CA THR A 128 -10.27 10.85 -9.54
C THR A 128 -9.29 9.99 -8.75
N PHE A 129 -8.05 9.91 -9.24
CA PHE A 129 -6.94 9.28 -8.50
C PHE A 129 -6.79 10.02 -7.17
N LEU A 130 -6.72 9.31 -6.05
CA LEU A 130 -6.70 9.93 -4.69
C LEU A 130 -5.34 9.64 -4.04
N MET A 131 -4.67 10.68 -3.53
CA MET A 131 -3.47 10.54 -2.65
C MET A 131 -3.95 9.92 -1.34
N PRO A 132 -3.34 8.84 -0.83
CA PRO A 132 -3.74 8.30 0.47
C PRO A 132 -3.41 9.30 1.61
N VAL A 133 -4.20 9.26 2.69
CA VAL A 133 -3.82 9.89 4.00
C VAL A 133 -2.68 9.04 4.57
N GLN A 134 -1.59 9.69 4.98
CA GLN A 134 -0.33 9.00 5.35
C GLN A 134 0.12 9.40 6.77
N LEU A 135 0.16 10.68 7.12
CA LEU A 135 0.69 11.09 8.46
C LEU A 135 -0.47 11.40 9.40
N GLU A 136 -0.67 10.57 10.43
CA GLU A 136 -1.57 10.85 11.58
C GLU A 136 -0.72 11.43 12.72
N LYS A 137 -1.18 12.52 13.33
CA LYS A 137 -0.55 13.14 14.53
C LYS A 137 -0.93 12.29 15.76
N GLN A 138 -0.07 12.28 16.78
CA GLN A 138 -0.31 11.57 18.06
C GLN A 138 0.29 12.42 19.19
N THR A 139 -0.16 12.18 20.44
CA THR A 139 0.23 12.96 21.65
C THR A 139 1.03 12.09 22.63
N GLN A 140 0.89 10.76 22.56
CA GLN A 140 1.58 9.79 23.47
C GLN A 140 3.09 10.10 23.53
N ILE A 141 3.73 10.34 22.38
CA ILE A 141 5.22 10.48 22.25
C ILE A 141 5.55 11.92 21.90
N PRO A 142 6.27 12.65 22.79
CA PRO A 142 6.53 14.07 22.60
C PRO A 142 7.49 14.37 21.45
N PRO A 143 7.32 15.53 20.78
CA PRO A 143 8.26 15.97 19.77
C PRO A 143 9.67 16.21 20.32
N PHE A 144 10.64 16.33 19.43
CA PHE A 144 12.08 16.60 19.72
C PHE A 144 12.64 17.48 18.62
N GLN A 145 13.36 18.54 18.99
CA GLN A 145 13.96 19.55 18.06
C GLN A 145 12.86 20.09 17.14
N GLN A 146 11.65 20.30 17.69
CA GLN A 146 10.46 20.90 17.03
C GLN A 146 9.98 20.05 15.83
N ARG A 147 10.41 18.79 15.74
CA ARG A 147 9.88 17.82 14.73
C ARG A 147 8.90 16.89 15.43
N ASP A 148 7.77 16.61 14.81
CA ASP A 148 6.75 15.68 15.38
C ASP A 148 7.20 14.24 15.07
N ILE A 149 6.68 13.30 15.85
CA ILE A 149 6.73 11.84 15.58
C ILE A 149 5.29 11.43 15.25
N ASP A 150 4.97 11.34 13.97
CA ASP A 150 3.61 10.99 13.48
C ASP A 150 3.55 9.47 13.35
N ILE A 151 2.36 8.93 13.17
CA ILE A 151 2.15 7.51 12.78
C ILE A 151 1.92 7.49 11.27
N LEU A 152 2.50 6.49 10.60
CA LEU A 152 2.32 6.26 9.15
C LEU A 152 1.08 5.39 8.99
N THR A 153 0.13 5.80 8.14
CA THR A 153 -0.99 4.98 7.61
C THR A 153 -0.96 5.07 6.08
N SER A 154 -1.81 4.30 5.38
CA SER A 154 -2.21 4.59 3.98
C SER A 154 -3.68 4.24 3.83
N LYS A 155 -4.54 5.28 3.85
CA LYS A 155 -6.00 5.16 4.06
C LYS A 155 -6.74 5.99 3.00
N HIS A 156 -7.98 5.59 2.68
CA HIS A 156 -8.95 6.30 1.81
C HIS A 156 -8.34 6.52 0.41
N PHE A 157 -8.35 5.45 -0.40
CA PHE A 157 -7.95 5.42 -1.83
C PHE A 157 -9.17 5.59 -2.74
N GLY A 158 -10.36 5.19 -2.28
CA GLY A 158 -11.66 5.51 -2.90
C GLY A 158 -12.17 4.36 -3.77
N THR A 159 -13.36 3.82 -3.45
CA THR A 159 -14.04 2.73 -4.21
C THR A 159 -15.34 3.26 -4.84
N ALA A 160 -15.40 4.56 -5.18
CA ALA A 160 -16.66 5.26 -5.52
C ALA A 160 -16.94 5.23 -7.02
N GLY A 161 -16.05 4.63 -7.84
CA GLY A 161 -16.22 4.66 -9.30
C GLY A 161 -15.18 3.87 -10.03
N TYR A 162 -15.49 2.64 -10.41
CA TYR A 162 -14.57 1.78 -11.19
C TYR A 162 -15.36 0.80 -12.05
N VAL A 163 -14.79 0.47 -13.21
CA VAL A 163 -15.18 -0.66 -14.08
C VAL A 163 -14.35 -1.87 -13.64
N ILE A 164 -14.97 -3.03 -13.48
CA ILE A 164 -14.25 -4.30 -13.18
C ILE A 164 -14.64 -5.33 -14.24
N SER A 165 -13.66 -5.99 -14.83
CA SER A 165 -13.84 -7.09 -15.81
C SER A 165 -14.41 -8.30 -15.08
N GLN A 166 -15.03 -9.24 -15.80
CA GLN A 166 -15.45 -10.53 -15.20
C GLN A 166 -14.21 -11.24 -14.63
N GLY A 167 -13.09 -11.21 -15.34
CA GLY A 167 -11.82 -11.79 -14.87
C GLY A 167 -11.44 -11.28 -13.49
N ALA A 168 -11.48 -9.96 -13.27
CA ALA A 168 -11.10 -9.31 -12.00
C ALA A 168 -12.18 -9.56 -10.93
N ALA A 169 -13.44 -9.66 -11.32
CA ALA A 169 -14.55 -10.05 -10.42
C ALA A 169 -14.26 -11.44 -9.81
N LYS A 170 -13.87 -12.41 -10.64
CA LYS A 170 -13.50 -13.78 -10.18
C LYS A 170 -12.27 -13.68 -9.27
N TYR A 171 -11.21 -13.02 -9.74
CA TYR A 171 -9.92 -12.80 -9.04
C TYR A 171 -10.16 -12.23 -7.65
N LEU A 172 -11.02 -11.21 -7.51
CA LEU A 172 -11.16 -10.45 -6.24
C LEU A 172 -12.06 -11.21 -5.25
N ILE A 173 -13.08 -11.91 -5.74
CA ILE A 173 -13.92 -12.82 -4.91
C ILE A 173 -13.00 -13.87 -4.29
N ALA A 174 -12.15 -14.50 -5.09
CA ALA A 174 -11.22 -15.56 -4.64
C ALA A 174 -10.24 -14.96 -3.62
N LEU A 175 -9.68 -13.79 -3.93
CA LEU A 175 -8.69 -13.09 -3.06
C LEU A 175 -9.31 -12.86 -1.68
N PHE A 176 -10.49 -12.23 -1.61
CA PHE A 176 -11.09 -11.83 -0.32
C PHE A 176 -11.51 -13.09 0.45
N GLU A 177 -11.87 -14.17 -0.25
CA GLU A 177 -12.23 -15.48 0.35
C GLU A 177 -10.95 -16.16 0.88
N LYS A 178 -9.82 -15.95 0.21
CA LYS A 178 -8.50 -16.58 0.51
C LYS A 178 -7.87 -15.97 1.77
N LEU A 179 -7.88 -14.64 1.90
CA LEU A 179 -7.11 -13.87 2.91
C LEU A 179 -7.46 -14.36 4.32
N THR A 180 -6.45 -14.52 5.18
CA THR A 180 -6.61 -14.79 6.64
C THR A 180 -7.16 -13.53 7.31
N THR A 181 -7.79 -13.69 8.46
CA THR A 181 -8.28 -12.58 9.33
C THR A 181 -7.19 -11.51 9.49
N GLU A 182 -5.93 -11.90 9.69
CA GLU A 182 -4.81 -10.94 9.92
C GLU A 182 -4.52 -10.15 8.64
N GLU A 183 -4.73 -10.76 7.46
CA GLU A 183 -4.41 -10.14 6.14
C GLU A 183 -5.53 -9.19 5.67
N ILE A 184 -6.73 -9.26 6.26
CA ILE A 184 -7.89 -8.41 5.87
C ILE A 184 -7.57 -6.94 6.14
N LYS A 185 -7.83 -6.08 5.16
CA LYS A 185 -7.83 -4.59 5.27
C LYS A 185 -9.09 -4.07 4.57
N PRO A 186 -9.45 -2.78 4.75
CA PRO A 186 -10.56 -2.19 4.00
C PRO A 186 -10.40 -2.40 2.50
N ILE A 187 -11.51 -2.58 1.80
CA ILE A 187 -11.54 -2.93 0.35
C ILE A 187 -10.57 -2.05 -0.45
N ASP A 188 -10.58 -0.72 -0.21
CA ASP A 188 -9.78 0.26 -0.98
C ASP A 188 -8.29 -0.03 -0.80
N GLU A 189 -7.87 -0.46 0.39
CA GLU A 189 -6.43 -0.65 0.72
C GLU A 189 -5.92 -1.88 -0.04
N ILE A 190 -6.78 -2.88 -0.26
CA ILE A 190 -6.40 -4.11 -1.01
C ILE A 190 -6.50 -3.82 -2.52
N MET A 191 -7.63 -3.31 -2.99
CA MET A 191 -7.89 -3.18 -4.44
C MET A 191 -6.89 -2.22 -5.08
N PHE A 192 -6.61 -1.10 -4.42
CA PHE A 192 -5.90 0.06 -5.03
C PHE A 192 -4.58 0.36 -4.30
N ASN A 193 -4.08 -0.53 -3.45
CA ASN A 193 -2.72 -0.37 -2.86
C ASN A 193 -2.02 -1.73 -2.85
N GLN A 194 -2.41 -2.62 -1.95
CA GLN A 194 -1.65 -3.87 -1.66
C GLN A 194 -1.55 -4.74 -2.92
N GLN A 195 -2.61 -4.87 -3.73
CA GLN A 195 -2.64 -5.85 -4.87
C GLN A 195 -1.98 -5.26 -6.12
N ILE A 196 -1.66 -3.97 -6.12
CA ILE A 196 -0.96 -3.34 -7.26
C ILE A 196 0.39 -4.04 -7.42
N ASN A 197 0.77 -4.37 -8.65
CA ASN A 197 2.02 -5.10 -9.02
C ASN A 197 1.82 -6.62 -8.90
N ALA A 198 0.72 -7.11 -8.30
CA ALA A 198 0.44 -8.57 -8.21
C ALA A 198 0.43 -9.16 -9.62
N THR A 199 0.67 -10.47 -9.73
CA THR A 199 0.83 -11.17 -11.04
C THR A 199 -0.58 -11.28 -11.67
N ASP A 200 -0.78 -10.56 -12.79
CA ASP A 200 -1.96 -10.63 -13.69
C ASP A 200 -3.05 -9.61 -13.32
N TYR A 201 -2.94 -8.94 -12.16
CA TYR A 201 -3.91 -7.92 -11.67
C TYR A 201 -3.44 -6.52 -12.07
N ARG A 202 -4.16 -5.87 -12.99
CA ARG A 202 -3.85 -4.50 -13.48
C ARG A 202 -4.94 -3.54 -13.02
N VAL A 203 -4.56 -2.40 -12.43
CA VAL A 203 -5.49 -1.27 -12.19
C VAL A 203 -5.11 -0.13 -13.13
N TYR A 204 -6.08 0.34 -13.93
CA TYR A 204 -5.96 1.50 -14.85
C TYR A 204 -6.63 2.71 -14.22
N GLN A 205 -6.25 3.92 -14.65
CA GLN A 205 -6.85 5.19 -14.17
C GLN A 205 -7.22 6.02 -15.40
N LEU A 206 -8.49 6.36 -15.54
CA LEU A 206 -8.98 7.36 -16.51
C LEU A 206 -8.48 8.74 -16.06
N ASN A 207 -7.66 9.40 -16.88
CA ASN A 207 -7.03 10.70 -16.53
C ASN A 207 -7.25 11.71 -17.65
N PRO A 208 -8.00 12.81 -17.46
CA PRO A 208 -8.71 13.09 -16.20
C PRO A 208 -9.93 12.19 -15.94
N ALA A 209 -10.29 12.02 -14.67
CA ALA A 209 -11.41 11.19 -14.20
C ALA A 209 -12.73 11.80 -14.67
N ILE A 210 -13.82 11.03 -14.65
CA ILE A 210 -15.15 11.49 -15.12
C ILE A 210 -16.12 11.62 -13.94
N CYS A 211 -15.65 11.36 -12.73
CA CYS A 211 -16.43 11.61 -11.49
C CYS A 211 -15.50 11.81 -10.29
N VAL A 212 -16.06 12.29 -9.19
CA VAL A 212 -15.35 12.58 -7.92
C VAL A 212 -16.36 12.48 -6.77
N GLN A 213 -15.89 11.99 -5.61
CA GLN A 213 -16.69 11.85 -4.37
C GLN A 213 -16.84 13.22 -3.72
N GLU A 214 -18.04 13.52 -3.20
CA GLU A 214 -18.38 14.81 -2.53
C GLU A 214 -18.01 14.71 -1.04
N GLU B 5 28.34 1.18 22.13
CA GLU B 5 28.39 0.39 20.85
C GLU B 5 27.77 1.21 19.71
N ASN B 6 28.33 1.10 18.50
CA ASN B 6 27.89 1.84 17.28
C ASN B 6 26.48 1.38 16.89
N LYS B 7 25.57 2.33 16.68
CA LYS B 7 24.16 2.05 16.36
C LYS B 7 23.84 2.40 14.89
N ASN B 8 24.57 3.34 14.28
CA ASN B 8 24.35 3.79 12.88
C ASN B 8 25.09 2.90 11.88
N PHE B 9 24.36 2.19 11.00
CA PHE B 9 24.94 1.35 9.92
C PHE B 9 24.48 1.86 8.56
N VAL B 10 25.43 2.02 7.64
CA VAL B 10 25.15 2.44 6.23
C VAL B 10 25.43 1.23 5.34
N ILE B 11 24.37 0.69 4.76
CA ILE B 11 24.40 -0.47 3.82
C ILE B 11 25.01 0.06 2.50
N SER B 12 26.15 -0.49 2.11
CA SER B 12 26.95 0.01 0.95
C SER B 12 27.68 -1.17 0.33
N ILE B 13 27.60 -1.32 -0.99
CA ILE B 13 28.42 -2.32 -1.73
C ILE B 13 29.88 -1.87 -1.55
N SER B 14 30.78 -2.80 -1.21
CA SER B 14 32.16 -2.50 -0.77
C SER B 14 32.92 -1.72 -1.85
N THR B 15 32.55 -1.88 -3.13
CA THR B 15 33.25 -1.27 -4.31
C THR B 15 32.62 0.07 -4.72
N ALA B 16 31.57 0.56 -4.05
CA ALA B 16 30.89 1.82 -4.40
C ALA B 16 31.66 3.02 -3.82
N GLU B 17 32.82 3.33 -4.40
CA GLU B 17 33.84 4.28 -3.85
C GLU B 17 33.22 5.67 -3.68
N GLN B 18 32.63 6.22 -4.74
CA GLN B 18 32.07 7.60 -4.76
C GLN B 18 30.96 7.73 -3.71
N ARG B 19 30.07 6.74 -3.65
CA ARG B 19 28.95 6.72 -2.66
C ARG B 19 29.55 6.72 -1.26
N ARG B 20 30.53 5.84 -1.00
CA ARG B 20 31.17 5.70 0.35
C ARG B 20 31.78 7.06 0.74
N ASN B 21 32.43 7.74 -0.22
CA ASN B 21 33.08 9.07 -0.01
C ASN B 21 32.02 10.13 0.35
N HIS B 22 30.88 10.16 -0.34
CA HIS B 22 29.76 11.13 -0.09
C HIS B 22 29.18 10.87 1.31
N ILE B 23 29.03 9.60 1.69
CA ILE B 23 28.61 9.19 3.06
C ILE B 23 29.64 9.70 4.08
N ILE B 24 30.92 9.34 3.91
CA ILE B 24 32.01 9.73 4.85
C ILE B 24 32.00 11.26 5.01
N GLU B 25 31.93 12.00 3.91
CA GLU B 25 31.97 13.48 3.91
C GLU B 25 30.85 14.05 4.79
N GLN B 26 29.62 13.56 4.63
CA GLN B 26 28.43 14.10 5.34
C GLN B 26 28.47 13.72 6.82
N PHE B 27 28.82 12.48 7.14
CA PHE B 27 28.82 11.96 8.54
C PHE B 27 29.95 12.63 9.32
N THR B 28 31.13 12.80 8.71
CA THR B 28 32.29 13.52 9.28
C THR B 28 31.90 15.00 9.56
N HIS B 29 31.33 15.68 8.57
CA HIS B 29 30.88 17.11 8.65
C HIS B 29 29.99 17.33 9.88
N GLN B 30 29.07 16.40 10.17
CA GLN B 30 28.10 16.55 11.30
C GLN B 30 28.57 15.76 12.54
N ASN B 31 29.79 15.22 12.53
CA ASN B 31 30.38 14.41 13.64
C ASN B 31 29.39 13.34 14.12
N ILE B 32 28.88 12.54 13.18
CA ILE B 32 27.95 11.41 13.44
C ILE B 32 28.75 10.12 13.27
N PRO B 33 28.94 9.33 14.34
CA PRO B 33 29.61 8.03 14.20
C PRO B 33 28.73 7.07 13.41
N PHE B 34 29.37 6.19 12.64
CA PHE B 34 28.70 5.15 11.82
C PHE B 34 29.74 4.14 11.35
N GLU B 35 29.28 2.98 10.89
CA GLU B 35 30.08 1.98 10.16
C GLU B 35 29.35 1.66 8.86
N PHE B 36 30.09 1.27 7.83
CA PHE B 36 29.55 0.61 6.63
C PHE B 36 29.19 -0.82 7.00
N PHE B 37 28.05 -1.31 6.49
CA PHE B 37 27.75 -2.75 6.35
C PHE B 37 27.91 -3.09 4.86
N ASP B 38 28.77 -4.07 4.55
CA ASP B 38 29.07 -4.46 3.16
C ASP B 38 27.81 -5.14 2.62
N ALA B 39 27.08 -4.45 1.75
CA ALA B 39 25.82 -4.93 1.14
C ALA B 39 26.08 -6.24 0.40
N PHE B 40 25.14 -7.18 0.48
CA PHE B 40 25.14 -8.45 -0.30
C PHE B 40 24.99 -8.11 -1.79
N THR B 41 25.68 -8.85 -2.65
CA THR B 41 25.63 -8.71 -4.14
C THR B 41 25.36 -10.09 -4.75
N PRO B 42 24.99 -10.19 -6.06
CA PRO B 42 24.91 -11.48 -6.73
C PRO B 42 26.25 -12.21 -6.54
N SER B 43 26.23 -13.30 -5.77
CA SER B 43 27.43 -13.99 -5.22
C SER B 43 27.00 -15.29 -4.53
N ASP B 44 27.99 -16.15 -4.21
CA ASP B 44 27.79 -17.41 -3.44
C ASP B 44 27.37 -17.05 -2.01
N LYS B 45 27.96 -15.98 -1.45
CA LYS B 45 27.67 -15.47 -0.08
C LYS B 45 26.18 -15.14 0.05
N LEU B 46 25.60 -14.44 -0.93
CA LEU B 46 24.16 -14.08 -0.90
C LEU B 46 23.33 -15.36 -1.01
N THR B 47 23.61 -16.19 -2.02
CA THR B 47 22.90 -17.46 -2.32
C THR B 47 22.83 -18.32 -1.05
N ASP B 48 23.95 -18.52 -0.35
CA ASP B 48 24.05 -19.36 0.87
C ASP B 48 23.27 -18.73 2.02
N HIS B 49 23.33 -17.40 2.17
CA HIS B 49 22.62 -16.63 3.24
C HIS B 49 21.10 -16.77 3.03
N LEU B 50 20.63 -16.55 1.79
CA LEU B 50 19.21 -16.76 1.40
C LEU B 50 18.78 -18.19 1.77
N GLN B 51 19.63 -19.18 1.47
CA GLN B 51 19.33 -20.61 1.74
C GLN B 51 19.31 -20.84 3.25
N ARG B 52 20.24 -20.22 3.98
CA ARG B 52 20.43 -20.40 5.45
C ARG B 52 19.25 -19.81 6.24
N TYR B 53 18.75 -18.63 5.85
CA TYR B 53 17.78 -17.83 6.65
C TYR B 53 16.43 -17.69 5.93
N LEU B 54 16.42 -17.47 4.61
CA LEU B 54 15.22 -17.12 3.82
C LEU B 54 15.12 -17.96 2.55
N PRO B 55 14.98 -19.30 2.65
CA PRO B 55 14.83 -20.15 1.46
C PRO B 55 13.54 -19.83 0.68
N ASN B 56 12.51 -19.32 1.37
CA ASN B 56 11.26 -18.77 0.75
C ASN B 56 11.62 -17.64 -0.23
N VAL B 57 12.62 -16.82 0.09
CA VAL B 57 13.05 -15.64 -0.72
C VAL B 57 13.97 -16.11 -1.87
N ALA B 58 14.79 -17.14 -1.63
CA ALA B 58 15.69 -17.74 -2.66
C ALA B 58 14.87 -18.14 -3.90
N ASN B 59 13.66 -18.68 -3.70
CA ASN B 59 12.77 -19.25 -4.75
C ASN B 59 11.90 -18.17 -5.41
N ALA B 60 11.83 -16.97 -4.84
CA ALA B 60 10.88 -15.89 -5.24
C ALA B 60 11.35 -15.23 -6.55
N ALA B 61 10.75 -15.62 -7.68
CA ALA B 61 11.09 -15.11 -9.03
C ALA B 61 10.80 -13.61 -9.11
N GLN B 62 9.79 -13.13 -8.37
CA GLN B 62 9.25 -11.74 -8.47
C GLN B 62 10.20 -10.71 -7.83
N LEU B 63 11.30 -11.14 -7.19
CA LEU B 63 12.37 -10.23 -6.68
C LEU B 63 13.59 -10.38 -7.58
N THR B 64 14.23 -9.25 -7.92
CA THR B 64 15.56 -9.25 -8.58
C THR B 64 16.60 -9.66 -7.53
N MET B 65 17.75 -10.15 -7.95
CA MET B 65 18.83 -10.59 -7.03
C MET B 65 19.32 -9.37 -6.23
N GLY B 66 19.19 -8.16 -6.80
CA GLY B 66 19.51 -6.89 -6.12
C GLY B 66 18.59 -6.64 -4.95
N GLU B 67 17.27 -6.80 -5.18
CA GLU B 67 16.21 -6.64 -4.14
C GLU B 67 16.42 -7.70 -3.05
N LYS B 68 16.80 -8.92 -3.43
CA LYS B 68 17.08 -10.05 -2.49
C LYS B 68 18.30 -9.71 -1.64
N GLY B 69 19.34 -9.13 -2.26
CA GLY B 69 20.55 -8.64 -1.57
C GLY B 69 20.22 -7.57 -0.56
N CYS B 70 19.41 -6.59 -0.94
CA CYS B 70 18.97 -5.46 -0.08
C CYS B 70 18.28 -6.07 1.15
N LEU B 71 17.30 -6.94 0.96
CA LEU B 71 16.55 -7.61 2.05
C LEU B 71 17.52 -8.37 2.96
N MET B 72 18.45 -9.13 2.39
CA MET B 72 19.40 -9.93 3.19
C MET B 72 20.27 -9.00 4.05
N SER B 73 20.74 -7.87 3.49
CA SER B 73 21.56 -6.87 4.22
C SER B 73 20.78 -6.36 5.44
N HIS B 74 19.54 -5.91 5.25
CA HIS B 74 18.66 -5.43 6.36
C HIS B 74 18.44 -6.55 7.38
N PHE B 75 18.15 -7.76 6.91
CA PHE B 75 17.88 -8.96 7.74
C PHE B 75 19.07 -9.20 8.67
N MET B 76 20.28 -9.30 8.10
CA MET B 76 21.51 -9.56 8.88
C MET B 76 21.72 -8.45 9.92
N LEU B 77 21.31 -7.22 9.63
CA LEU B 77 21.45 -6.09 10.59
C LEU B 77 20.38 -6.20 11.68
N TRP B 78 19.19 -6.74 11.38
CA TRP B 78 18.17 -7.06 12.42
C TRP B 78 18.70 -8.18 13.32
N LYS B 79 19.35 -9.18 12.73
CA LYS B 79 20.00 -10.31 13.46
C LYS B 79 21.04 -9.72 14.42
N LYS B 80 21.95 -8.88 13.91
CA LYS B 80 23.03 -8.23 14.71
C LYS B 80 22.40 -7.57 15.94
N CYS B 81 21.31 -6.84 15.74
CA CYS B 81 20.59 -6.11 16.82
C CYS B 81 20.17 -7.09 17.92
N ILE B 82 19.59 -8.24 17.54
CA ILE B 82 19.13 -9.30 18.50
C ILE B 82 20.37 -9.91 19.18
N ASP B 83 21.36 -10.32 18.39
CA ASP B 83 22.54 -11.09 18.86
C ASP B 83 23.33 -10.27 19.88
N GLU B 84 23.50 -8.97 19.65
CA GLU B 84 24.22 -8.02 20.55
C GLU B 84 23.25 -7.45 21.59
N ASN B 85 21.99 -7.85 21.54
CA ASN B 85 20.92 -7.35 22.45
C ASN B 85 20.99 -5.81 22.54
N LEU B 86 21.12 -5.13 21.41
CA LEU B 86 21.01 -3.64 21.32
C LEU B 86 19.56 -3.25 21.56
N ASP B 87 19.32 -2.08 22.15
CA ASP B 87 17.96 -1.53 22.36
C ASP B 87 17.32 -1.21 21.00
N TYR B 88 18.13 -0.68 20.07
CA TYR B 88 17.72 -0.28 18.71
C TYR B 88 18.96 -0.33 17.81
N ILE B 89 18.74 -0.22 16.51
CA ILE B 89 19.81 -0.07 15.48
C ILE B 89 19.23 0.87 14.42
N THR B 90 20.08 1.68 13.79
CA THR B 90 19.68 2.72 12.80
C THR B 90 20.34 2.36 11.46
N LEU B 91 19.53 2.22 10.41
CA LEU B 91 19.98 1.67 9.11
C LEU B 91 19.80 2.71 8.01
N PHE B 92 20.84 2.91 7.21
CA PHE B 92 20.84 3.80 6.03
C PHE B 92 21.32 3.01 4.80
N GLU B 93 20.91 3.47 3.63
CA GLU B 93 21.52 3.10 2.33
C GLU B 93 22.49 4.22 1.96
N ASP B 94 23.45 3.94 1.09
CA ASP B 94 24.62 4.81 0.82
C ASP B 94 24.30 5.90 -0.21
N ASP B 95 23.03 6.12 -0.56
CA ASP B 95 22.62 7.22 -1.49
C ASP B 95 21.85 8.29 -0.71
N ILE B 96 22.04 8.36 0.61
CA ILE B 96 21.29 9.29 1.49
C ILE B 96 22.00 10.66 1.55
N LEU B 97 21.19 11.71 1.64
CA LEU B 97 21.63 13.11 1.91
C LEU B 97 21.06 13.50 3.28
N LEU B 98 21.94 13.83 4.22
CA LEU B 98 21.58 14.34 5.57
C LEU B 98 21.13 15.80 5.49
N GLY B 99 20.05 16.14 6.18
CA GLY B 99 19.62 17.53 6.44
C GLY B 99 20.48 18.17 7.52
N GLU B 100 20.40 19.50 7.62
CA GLU B 100 21.18 20.41 8.50
C GLU B 100 21.54 19.77 9.85
N ASN B 101 20.53 19.46 10.69
CA ASN B 101 20.71 19.11 12.13
C ASN B 101 20.44 17.62 12.36
N ALA B 102 20.82 16.77 11.41
CA ALA B 102 20.67 15.29 11.52
C ALA B 102 21.46 14.79 12.74
N ASN B 103 22.59 15.43 13.08
CA ASN B 103 23.49 15.01 14.17
C ASN B 103 22.77 15.11 15.53
N LYS B 104 21.80 16.01 15.65
CA LYS B 104 20.97 16.19 16.87
C LYS B 104 20.11 14.94 17.10
N PHE B 105 19.83 14.17 16.03
CA PHE B 105 19.06 12.89 16.09
C PHE B 105 20.00 11.69 16.04
N LEU B 106 21.15 11.79 15.37
CA LEU B 106 21.93 10.60 14.94
C LEU B 106 23.21 10.41 15.76
N ALA B 107 23.67 11.43 16.49
CA ALA B 107 24.91 11.37 17.33
C ALA B 107 24.63 10.59 18.62
N GLU B 108 23.49 10.85 19.28
CA GLU B 108 23.12 10.31 20.62
C GLU B 108 21.75 9.61 20.52
N GLY B 109 21.48 8.65 21.41
CA GLY B 109 20.22 7.88 21.51
C GLY B 109 19.33 8.30 22.67
N ASP B 110 19.72 9.33 23.43
CA ASP B 110 19.02 9.71 24.69
C ASP B 110 17.58 10.11 24.36
N TRP B 111 17.37 10.87 23.29
CA TRP B 111 16.03 11.33 22.84
C TRP B 111 15.12 10.13 22.52
N LEU B 112 15.71 9.01 22.09
CA LEU B 112 14.98 7.73 21.86
C LEU B 112 14.68 7.06 23.20
N LYS B 113 15.68 6.99 24.09
CA LYS B 113 15.56 6.29 25.40
C LYS B 113 14.44 6.92 26.25
N VAL B 114 14.19 8.22 26.11
CA VAL B 114 13.19 8.93 26.96
C VAL B 114 11.82 8.91 26.32
N ARG B 115 11.67 8.36 25.10
CA ARG B 115 10.38 8.38 24.36
C ARG B 115 9.82 6.96 24.14
N PHE B 116 10.68 5.94 24.09
CA PHE B 116 10.30 4.61 23.55
C PHE B 116 10.64 3.51 24.55
N ASN B 117 9.78 2.49 24.59
CA ASN B 117 10.08 1.16 25.16
C ASN B 117 10.61 0.29 24.02
N PHE B 118 11.86 -0.13 24.10
CA PHE B 118 12.59 -0.80 22.99
C PHE B 118 12.11 -2.25 22.81
N GLN B 119 11.34 -2.79 23.77
CA GLN B 119 10.71 -4.14 23.67
C GLN B 119 9.40 -4.02 22.87
N GLU B 120 8.82 -2.82 22.78
CA GLU B 120 7.66 -2.59 21.88
C GLU B 120 8.15 -2.68 20.43
N ILE B 121 7.22 -2.82 19.49
CA ILE B 121 7.51 -3.10 18.05
C ILE B 121 7.26 -1.80 17.29
N PHE B 122 8.32 -1.05 17.01
CA PHE B 122 8.23 0.21 16.24
C PHE B 122 9.45 0.37 15.32
N VAL B 123 9.18 1.02 14.19
CA VAL B 123 10.20 1.59 13.26
C VAL B 123 9.94 3.08 13.25
N LEU B 124 11.00 3.88 13.40
CA LEU B 124 10.94 5.35 13.24
C LEU B 124 11.66 5.71 11.93
N ARG B 125 10.91 6.13 10.91
CA ARG B 125 11.45 6.61 9.63
C ARG B 125 12.10 7.96 9.87
N LEU B 126 13.37 8.08 9.48
CA LEU B 126 14.14 9.35 9.48
C LEU B 126 14.08 9.98 8.07
N GLU B 127 13.85 9.14 7.08
CA GLU B 127 13.84 9.47 5.63
C GLU B 127 12.49 10.09 5.27
N THR B 128 12.43 10.98 4.29
CA THR B 128 11.14 11.55 3.79
C THR B 128 10.24 10.40 3.30
N PHE B 129 8.94 10.46 3.56
CA PHE B 129 7.94 9.48 3.03
C PHE B 129 7.48 9.92 1.64
N LEU B 130 7.46 9.01 0.67
CA LEU B 130 6.88 9.25 -0.69
C LEU B 130 5.63 8.40 -0.92
N MET B 131 4.84 8.82 -1.90
CA MET B 131 3.51 8.28 -2.28
C MET B 131 3.63 6.79 -2.61
N PRO B 132 2.74 5.92 -2.07
CA PRO B 132 2.76 4.49 -2.40
C PRO B 132 2.56 4.18 -3.90
N VAL B 133 1.47 4.70 -4.48
CA VAL B 133 1.00 4.33 -5.85
C VAL B 133 1.18 5.55 -6.76
N GLN B 134 1.71 5.34 -7.97
CA GLN B 134 1.86 6.40 -8.99
C GLN B 134 1.13 5.98 -10.28
N LEU B 135 0.77 6.99 -11.07
CA LEU B 135 0.25 6.86 -12.45
C LEU B 135 1.44 6.80 -13.43
N GLU B 136 1.59 5.67 -14.12
CA GLU B 136 2.43 5.51 -15.32
C GLU B 136 1.55 5.63 -16.56
N LYS B 137 2.07 6.25 -17.62
CA LYS B 137 1.51 6.20 -18.99
C LYS B 137 1.83 4.83 -19.58
N GLN B 138 0.96 4.34 -20.48
CA GLN B 138 1.10 3.03 -21.15
C GLN B 138 0.54 3.17 -22.57
N THR B 139 0.93 2.28 -23.49
CA THR B 139 0.57 2.33 -24.93
C THR B 139 -0.32 1.13 -25.31
N GLN B 140 -0.30 0.05 -24.52
CA GLN B 140 -1.09 -1.19 -24.76
C GLN B 140 -2.56 -0.83 -25.03
N ILE B 141 -3.14 0.06 -24.21
CA ILE B 141 -4.59 0.43 -24.25
C ILE B 141 -4.74 1.88 -24.71
N PRO B 142 -5.31 2.13 -25.90
CA PRO B 142 -5.37 3.48 -26.45
C PRO B 142 -6.31 4.42 -25.71
N PRO B 143 -5.98 5.74 -25.68
CA PRO B 143 -6.86 6.74 -25.11
C PRO B 143 -8.24 6.80 -25.79
N PHE B 144 -9.19 7.45 -25.12
CA PHE B 144 -10.60 7.61 -25.56
C PHE B 144 -11.08 9.00 -25.15
N GLN B 145 -11.72 9.73 -26.08
CA GLN B 145 -12.24 11.10 -25.85
C GLN B 145 -11.12 12.01 -25.33
N GLN B 146 -9.89 11.80 -25.83
CA GLN B 146 -8.66 12.58 -25.52
C GLN B 146 -8.31 12.52 -24.03
N ARG B 147 -8.80 11.52 -23.30
CA ARG B 147 -8.36 11.20 -21.92
C ARG B 147 -7.42 10.00 -22.00
N ASP B 148 -6.33 10.03 -21.23
CA ASP B 148 -5.39 8.89 -21.12
C ASP B 148 -5.99 7.83 -20.21
N ILE B 149 -5.56 6.60 -20.42
CA ILE B 149 -5.76 5.45 -19.51
C ILE B 149 -4.36 5.12 -18.98
N ASP B 150 -4.07 5.60 -17.77
CA ASP B 150 -2.79 5.36 -17.08
C ASP B 150 -2.92 4.05 -16.30
N ILE B 151 -1.80 3.50 -15.86
CA ILE B 151 -1.74 2.26 -15.04
C ILE B 151 -1.20 2.67 -13.67
N LEU B 152 -1.69 2.05 -12.60
CA LEU B 152 -1.21 2.29 -11.21
C LEU B 152 0.01 1.39 -10.99
N THR B 153 1.12 1.95 -10.49
CA THR B 153 2.32 1.19 -10.06
C THR B 153 2.70 1.62 -8.63
N SER B 154 3.57 0.85 -7.99
CA SER B 154 4.25 1.20 -6.72
C SER B 154 5.59 0.46 -6.69
N LYS B 155 6.72 1.18 -6.59
CA LYS B 155 8.08 0.59 -6.77
C LYS B 155 9.03 0.88 -5.59
N HIS B 156 8.94 2.06 -4.96
CA HIS B 156 9.97 2.56 -4.00
C HIS B 156 9.37 3.45 -2.89
N PHE B 157 9.29 2.92 -1.66
CA PHE B 157 8.91 3.64 -0.40
C PHE B 157 10.15 4.11 0.35
N GLY B 158 11.26 3.39 0.20
CA GLY B 158 12.58 3.77 0.74
C GLY B 158 12.86 3.10 2.08
N THR B 159 13.94 2.31 2.13
CA THR B 159 14.50 1.68 3.36
C THR B 159 15.85 2.32 3.69
N ALA B 160 16.02 3.60 3.37
CA ALA B 160 17.35 4.26 3.34
C ALA B 160 17.64 4.97 4.67
N GLY B 161 16.77 4.84 5.69
CA GLY B 161 16.87 5.68 6.88
C GLY B 161 15.77 5.43 7.88
N TYR B 162 15.99 4.47 8.78
CA TYR B 162 15.02 4.18 9.86
C TYR B 162 15.74 3.67 11.09
N VAL B 163 15.17 3.99 12.25
CA VAL B 163 15.48 3.39 13.57
C VAL B 163 14.54 2.20 13.75
N ILE B 164 15.08 1.06 14.18
CA ILE B 164 14.23 -0.12 14.51
C ILE B 164 14.55 -0.55 15.94
N SER B 165 13.51 -0.72 16.75
CA SER B 165 13.57 -1.27 18.13
C SER B 165 13.99 -2.75 18.06
N GLN B 166 14.55 -3.29 19.13
CA GLN B 166 14.82 -4.75 19.21
C GLN B 166 13.50 -5.51 19.01
N GLY B 167 12.40 -5.05 19.60
CA GLY B 167 11.07 -5.65 19.42
C GLY B 167 10.71 -5.82 17.94
N ALA B 168 10.88 -4.77 17.14
CA ALA B 168 10.57 -4.77 15.68
C ALA B 168 11.59 -5.59 14.90
N ALA B 169 12.84 -5.63 15.34
CA ALA B 169 13.90 -6.50 14.76
C ALA B 169 13.46 -7.96 14.86
N LYS B 170 12.97 -8.39 16.02
CA LYS B 170 12.43 -9.77 16.24
C LYS B 170 11.23 -9.98 15.33
N TYR B 171 10.26 -9.06 15.40
CA TYR B 171 8.99 -9.08 14.62
C TYR B 171 9.27 -9.25 13.12
N LEU B 172 10.24 -8.52 12.57
CA LEU B 172 10.46 -8.47 11.10
C LEU B 172 11.27 -9.70 10.64
N ILE B 173 12.21 -10.19 11.45
CA ILE B 173 12.93 -11.47 11.19
C ILE B 173 11.89 -12.58 11.08
N ALA B 174 10.96 -12.66 12.04
CA ALA B 174 9.89 -13.68 12.08
C ALA B 174 9.02 -13.53 10.83
N LEU B 175 8.59 -12.31 10.52
CA LEU B 175 7.70 -12.02 9.36
C LEU B 175 8.36 -12.51 8.06
N PHE B 176 9.61 -12.13 7.79
CA PHE B 176 10.27 -12.46 6.51
C PHE B 176 10.56 -13.96 6.43
N GLU B 177 10.78 -14.61 7.58
CA GLU B 177 10.96 -16.09 7.68
C GLU B 177 9.61 -16.79 7.46
N LYS B 178 8.51 -16.15 7.88
CA LYS B 178 7.12 -16.70 7.86
C LYS B 178 6.56 -16.71 6.42
N LEU B 179 6.74 -15.62 5.67
CA LEU B 179 6.04 -15.37 4.38
C LEU B 179 6.38 -16.49 3.40
N THR B 180 5.36 -16.99 2.68
CA THR B 180 5.50 -17.96 1.56
C THR B 180 6.19 -17.24 0.38
N THR B 181 6.83 -18.00 -0.50
CA THR B 181 7.42 -17.50 -1.77
C THR B 181 6.45 -16.55 -2.49
N GLU B 182 5.15 -16.90 -2.54
CA GLU B 182 4.09 -16.12 -3.24
C GLU B 182 3.90 -14.76 -2.54
N GLU B 183 4.05 -14.71 -1.21
CA GLU B 183 3.76 -13.50 -0.38
C GLU B 183 4.95 -12.53 -0.39
N ILE B 184 6.15 -12.97 -0.78
CA ILE B 184 7.39 -12.13 -0.76
C ILE B 184 7.24 -10.97 -1.73
N LYS B 185 7.56 -9.76 -1.25
CA LYS B 185 7.69 -8.51 -2.05
C LYS B 185 8.98 -7.82 -1.62
N PRO B 186 9.46 -6.78 -2.35
CA PRO B 186 10.63 -6.02 -1.90
C PRO B 186 10.43 -5.50 -0.47
N ILE B 187 11.52 -5.42 0.29
CA ILE B 187 11.53 -5.08 1.74
C ILE B 187 10.66 -3.86 2.00
N ASP B 188 10.79 -2.81 1.19
CA ASP B 188 10.10 -1.51 1.41
C ASP B 188 8.58 -1.70 1.29
N GLU B 189 8.13 -2.57 0.38
CA GLU B 189 6.68 -2.78 0.12
C GLU B 189 6.06 -3.48 1.34
N ILE B 190 6.80 -4.36 2.02
CA ILE B 190 6.31 -5.04 3.25
C ILE B 190 6.45 -4.12 4.47
N MET B 191 7.63 -3.55 4.71
CA MET B 191 7.90 -2.79 5.97
C MET B 191 7.00 -1.57 6.04
N PHE B 192 6.82 -0.85 4.92
CA PHE B 192 6.23 0.52 4.91
C PHE B 192 4.94 0.58 4.07
N ASN B 193 4.36 -0.56 3.68
CA ASN B 193 3.06 -0.54 2.98
C ASN B 193 2.17 -1.66 3.53
N GLN B 194 2.47 -2.91 3.18
CA GLN B 194 1.61 -4.07 3.52
C GLN B 194 1.44 -4.20 5.04
N GLN B 195 2.48 -3.97 5.85
CA GLN B 195 2.43 -4.24 7.32
C GLN B 195 1.88 -3.04 8.09
N ILE B 196 1.57 -1.93 7.43
CA ILE B 196 1.30 -0.63 8.10
C ILE B 196 0.35 -0.80 9.30
N ASN B 197 -0.90 -1.23 9.08
CA ASN B 197 -1.96 -1.24 10.13
C ASN B 197 -1.98 -2.56 10.91
N ALA B 198 -0.92 -3.37 10.79
CA ALA B 198 -0.78 -4.67 11.49
C ALA B 198 -0.92 -4.44 13.00
N THR B 199 -1.24 -5.49 13.75
CA THR B 199 -1.72 -5.41 15.16
C THR B 199 -0.73 -4.68 16.07
N ASP B 200 0.49 -5.21 16.26
CA ASP B 200 1.45 -4.68 17.28
C ASP B 200 2.55 -3.83 16.60
N TYR B 201 2.48 -3.68 15.27
CA TYR B 201 3.56 -3.07 14.44
C TYR B 201 3.23 -1.60 14.15
N ARG B 202 4.00 -0.69 14.73
CA ARG B 202 3.83 0.78 14.54
C ARG B 202 5.00 1.28 13.71
N VAL B 203 4.71 1.99 12.63
CA VAL B 203 5.72 2.79 11.89
C VAL B 203 5.46 4.27 12.19
N TYR B 204 6.47 4.93 12.74
CA TYR B 204 6.47 6.38 13.03
C TYR B 204 7.23 7.07 11.91
N GLN B 205 6.87 8.32 11.68
CA GLN B 205 7.55 9.19 10.68
C GLN B 205 7.99 10.44 11.42
N LEU B 206 9.29 10.68 11.41
CA LEU B 206 9.85 11.99 11.83
C LEU B 206 9.43 13.02 10.77
N ASN B 207 8.67 14.04 11.19
CA ASN B 207 8.09 15.07 10.29
C ASN B 207 8.42 16.46 10.83
N PRO B 208 9.21 17.29 10.11
CA PRO B 208 9.85 16.91 8.85
C PRO B 208 11.00 15.92 9.02
N ALA B 209 11.30 15.16 7.97
CA ALA B 209 12.37 14.14 7.91
C ALA B 209 13.73 14.83 8.05
N ILE B 210 14.78 14.09 8.40
CA ILE B 210 16.14 14.63 8.61
C ILE B 210 17.07 14.12 7.52
N CYS B 211 16.58 13.29 6.60
CA CYS B 211 17.37 12.83 5.42
C CYS B 211 16.45 12.45 4.27
N VAL B 212 17.03 12.26 3.08
CA VAL B 212 16.32 11.95 1.81
C VAL B 212 17.29 11.19 0.90
N GLN B 213 16.79 10.24 0.12
CA GLN B 213 17.60 9.48 -0.87
C GLN B 213 17.79 10.32 -2.13
N GLU B 214 18.91 10.13 -2.82
CA GLU B 214 19.14 10.71 -4.18
C GLU B 214 18.24 10.01 -5.20
N LEU B 215 18.04 8.69 -5.08
CA LEU B 215 17.10 7.87 -5.91
C LEU B 215 15.70 8.52 -5.92
#